data_1ZTK
#
_entry.id   1ZTK
#
_cell.length_a   121.791
_cell.length_b   121.791
_cell.length_c   121.791
_cell.angle_alpha   90.00
_cell.angle_beta   90.00
_cell.angle_gamma   90.00
#
_symmetry.space_group_name_H-M   'I 2 3'
#
loop_
_entity.id
_entity.type
_entity.pdbx_description
1 polymer 'Coagulation factor XI'
2 non-polymer 'SULFATE ION'
3 non-polymer 2-(5-AMINO-6-OXO-2-M-TOLYL-6H-PYRIMIDIN-1-YL)-N-[4-GUANIDINO-1-(THIAZOLE-2-CARBONYL)-BUTYL]-ACETAMIDE
4 water water
#
_entity_poly.entity_id   1
_entity_poly.type   'polypeptide(L)'
_entity_poly.pdbx_seq_one_letter_code
;IVGGTASVRGEWPWQVTLHTTSPTQRHLCGGSIIGNQWILTAAHCFYGVESPKILRVYSGILNQAEIAEDTSFFGVQEII
IHDQYKMAESGYDIALLKLETTVNYADSQRPISLPSKGDRNVIYTDCWVTGWGYRKLRDKIQNTLQKAKIPLVTNEECQK
RYRGHKITHKMICAGYREGGKDACKGDSGGPLSCKHNEVWHLVGITSWGEGCAQRERPGVYTNVVEYVDWILEKTQAV
;
_entity_poly.pdbx_strand_id   A
#
loop_
_chem_comp.id
_chem_comp.type
_chem_comp.name
_chem_comp.formula
62A non-polymer 2-(5-AMINO-6-OXO-2-M-TOLYL-6H-PYRIMIDIN-1-YL)-N-[4-GUANIDINO-1-(THIAZOLE-2-CARBONYL)-BUTYL]-ACETAMIDE 'C22 H26 N8 O3 S'
SO4 non-polymer 'SULFATE ION' 'O4 S -2'
#
# COMPACT_ATOMS: atom_id res chain seq x y z
N ILE A 1 8.60 -1.93 -7.19
CA ILE A 1 8.43 -0.61 -7.86
C ILE A 1 9.25 -0.56 -9.14
N VAL A 2 8.62 -0.20 -10.25
CA VAL A 2 9.33 -0.14 -11.51
C VAL A 2 9.73 1.28 -11.82
N GLY A 3 10.94 1.43 -12.34
CA GLY A 3 11.45 2.74 -12.72
C GLY A 3 11.62 3.70 -11.57
N GLY A 4 11.82 3.18 -10.37
CA GLY A 4 11.99 4.04 -9.22
C GLY A 4 13.43 4.12 -8.74
N THR A 5 13.64 4.72 -7.58
CA THR A 5 14.98 4.84 -7.02
C THR A 5 14.94 4.55 -5.54
N ALA A 6 16.11 4.27 -4.98
CA ALA A 6 16.27 3.97 -3.57
C ALA A 6 15.74 5.11 -2.71
N SER A 7 15.01 4.75 -1.67
CA SER A 7 14.45 5.74 -0.76
C SER A 7 15.49 6.16 0.27
N VAL A 8 15.29 7.34 0.86
CA VAL A 8 16.18 7.81 1.92
C VAL A 8 15.62 7.18 3.18
N ARG A 9 16.49 6.75 4.10
CA ARG A 9 16.00 6.15 5.33
C ARG A 9 15.07 7.11 6.09
N GLY A 10 13.92 6.60 6.54
CA GLY A 10 12.97 7.42 7.27
C GLY A 10 12.11 8.36 6.42
N GLU A 11 12.35 8.36 5.12
CA GLU A 11 11.62 9.21 4.17
C GLU A 11 10.13 8.88 4.13
N TRP A 12 9.77 7.61 4.31
CA TRP A 12 8.39 7.17 4.30
C TRP A 12 8.13 6.38 5.59
N PRO A 13 8.13 7.07 6.74
CA PRO A 13 7.93 6.49 8.07
C PRO A 13 6.63 5.70 8.31
N TRP A 14 5.64 5.87 7.44
CA TRP A 14 4.39 5.14 7.62
C TRP A 14 4.43 3.78 6.91
N GLN A 15 5.41 3.61 6.03
CA GLN A 15 5.56 2.37 5.29
C GLN A 15 6.03 1.21 6.17
N VAL A 16 5.38 0.08 6.06
CA VAL A 16 5.79 -1.10 6.81
C VAL A 16 5.89 -2.27 5.83
N THR A 17 6.68 -3.26 6.20
CA THR A 17 6.84 -4.46 5.38
C THR A 17 6.16 -5.56 6.16
N LEU A 18 5.18 -6.20 5.53
CA LEU A 18 4.44 -7.28 6.16
C LEU A 18 5.06 -8.62 5.76
N HIS A 19 5.51 -9.39 6.74
CA HIS A 19 6.10 -10.69 6.44
C HIS A 19 5.21 -11.85 6.86
N THR A 20 5.46 -13.00 6.25
CA THR A 20 4.75 -14.21 6.60
C THR A 20 5.89 -15.11 7.02
N THR A 21 5.67 -15.98 8.00
CA THR A 21 6.72 -16.89 8.45
C THR A 21 6.55 -18.29 7.87
N SER A 22 5.52 -18.51 7.07
CA SER A 22 5.29 -19.83 6.48
C SER A 22 5.43 -19.84 4.96
N PRO A 23 6.19 -20.80 4.42
CA PRO A 23 6.93 -21.86 5.15
C PRO A 23 8.17 -21.32 5.89
N THR A 24 8.84 -20.34 5.28
CA THR A 24 9.99 -19.69 5.89
C THR A 24 9.70 -18.20 5.74
N GLN A 25 10.29 -17.37 6.60
CA GLN A 25 9.99 -15.95 6.55
C GLN A 25 10.35 -15.26 5.24
N ARG A 26 9.42 -14.42 4.75
CA ARG A 26 9.61 -13.64 3.53
C ARG A 26 8.65 -12.44 3.50
N HIS A 27 9.02 -11.42 2.74
CA HIS A 27 8.17 -10.25 2.60
C HIS A 27 6.92 -10.70 1.83
N LEU A 28 5.76 -10.22 2.27
CA LEU A 28 4.49 -10.59 1.64
C LEU A 28 3.82 -9.39 0.98
N CYS A 29 3.68 -8.31 1.74
CA CYS A 29 3.03 -7.12 1.24
C CYS A 29 3.51 -5.87 1.96
N GLY A 30 3.12 -4.71 1.43
CA GLY A 30 3.47 -3.44 2.05
C GLY A 30 2.26 -3.05 2.89
N GLY A 31 2.41 -1.99 3.68
CA GLY A 31 1.31 -1.52 4.50
C GLY A 31 1.60 -0.13 5.04
N SER A 32 0.58 0.54 5.56
CA SER A 32 0.74 1.89 6.09
C SER A 32 0.26 2.02 7.53
N ILE A 33 1.06 2.67 8.38
CA ILE A 33 0.68 2.90 9.77
C ILE A 33 -0.33 4.06 9.78
N ILE A 34 -1.50 3.85 10.36
CA ILE A 34 -2.47 4.93 10.41
C ILE A 34 -2.93 5.14 11.84
N GLY A 35 -2.39 4.33 12.74
CA GLY A 35 -2.75 4.42 14.14
C GLY A 35 -1.72 3.69 14.97
N ASN A 36 -1.69 3.97 16.27
CA ASN A 36 -0.70 3.37 17.15
C ASN A 36 -0.79 1.84 17.15
N GLN A 37 -1.92 1.32 16.69
CA GLN A 37 -2.12 -0.12 16.69
C GLN A 37 -2.77 -0.58 15.39
N TRP A 38 -2.73 0.27 14.38
CA TRP A 38 -3.35 -0.08 13.11
C TRP A 38 -2.56 0.09 11.83
N ILE A 39 -2.57 -0.96 11.02
CA ILE A 39 -1.91 -0.95 9.73
C ILE A 39 -2.99 -1.04 8.65
N LEU A 40 -2.93 -0.19 7.63
CA LEU A 40 -3.92 -0.25 6.55
C LEU A 40 -3.17 -0.85 5.36
N THR A 41 -3.77 -1.88 4.75
CA THR A 41 -3.13 -2.59 3.65
C THR A 41 -4.21 -3.16 2.71
N ALA A 42 -3.77 -4.02 1.78
CA ALA A 42 -4.67 -4.65 0.81
C ALA A 42 -5.27 -5.96 1.37
N ALA A 43 -6.51 -6.24 1.00
CA ALA A 43 -7.19 -7.44 1.46
C ALA A 43 -6.70 -8.67 0.67
N HIS A 44 -6.44 -8.47 -0.60
CA HIS A 44 -6.00 -9.57 -1.46
C HIS A 44 -4.58 -10.01 -1.04
N CYS A 45 -4.05 -9.40 0.00
CA CYS A 45 -2.71 -9.73 0.47
C CYS A 45 -2.76 -10.90 1.46
N PHE A 46 -3.95 -11.31 1.84
CA PHE A 46 -4.12 -12.41 2.78
C PHE A 46 -4.72 -13.64 2.14
N TYR A 47 -4.45 -13.83 0.87
CA TYR A 47 -4.96 -14.99 0.17
C TYR A 47 -4.18 -16.26 0.57
N GLY A 48 -4.82 -17.14 1.30
CA GLY A 48 -4.16 -18.35 1.76
C GLY A 48 -3.73 -18.23 3.20
N VAL A 49 -4.08 -17.13 3.83
CA VAL A 49 -3.73 -16.89 5.22
C VAL A 49 -4.87 -17.30 6.16
N GLU A 50 -4.70 -18.41 6.86
CA GLU A 50 -5.72 -18.87 7.78
C GLU A 50 -5.57 -18.23 9.17
N SER A 51 -4.37 -17.79 9.52
CA SER A 51 -4.19 -17.21 10.85
C SER A 51 -3.28 -16.00 10.87
N PRO A 52 -3.58 -15.05 11.74
CA PRO A 52 -2.74 -13.85 11.81
C PRO A 52 -1.42 -14.23 12.50
N LYS A 53 -1.40 -15.41 13.12
CA LYS A 53 -0.22 -15.88 13.85
C LYS A 53 1.06 -15.97 13.03
N ILE A 54 0.93 -16.16 11.73
CA ILE A 54 2.10 -16.26 10.88
C ILE A 54 2.50 -14.92 10.29
N LEU A 55 1.86 -13.84 10.72
CA LEU A 55 2.20 -12.52 10.20
C LEU A 55 3.13 -11.77 11.14
N ARG A 56 3.96 -10.93 10.56
CA ARG A 56 4.90 -10.11 11.30
C ARG A 56 4.95 -8.78 10.59
N VAL A 57 4.83 -7.69 11.34
CA VAL A 57 4.89 -6.35 10.75
C VAL A 57 6.15 -5.65 11.24
N TYR A 58 6.95 -5.17 10.30
CA TYR A 58 8.18 -4.46 10.65
C TYR A 58 8.05 -3.00 10.23
N SER A 59 8.33 -2.09 11.16
CA SER A 59 8.26 -0.66 10.89
C SER A 59 9.66 -0.06 10.94
N GLY A 60 9.81 1.14 10.37
CA GLY A 60 11.12 1.78 10.37
C GLY A 60 12.18 0.97 9.65
N ILE A 61 11.79 0.31 8.55
CA ILE A 61 12.73 -0.48 7.77
C ILE A 61 13.04 0.22 6.44
N LEU A 62 14.30 0.15 6.02
CA LEU A 62 14.70 0.72 4.74
C LEU A 62 15.12 -0.46 3.87
N ASN A 63 16.01 -1.29 4.42
CA ASN A 63 16.51 -2.46 3.70
C ASN A 63 16.04 -3.74 4.36
N GLN A 64 15.58 -4.69 3.56
CA GLN A 64 15.11 -5.94 4.11
C GLN A 64 16.26 -6.59 4.88
N ALA A 65 17.49 -6.29 4.48
CA ALA A 65 18.66 -6.87 5.17
C ALA A 65 18.65 -6.57 6.65
N GLU A 66 17.95 -5.50 7.06
CA GLU A 66 17.87 -5.15 8.48
C GLU A 66 17.05 -6.16 9.25
N ILE A 67 16.24 -6.94 8.55
CA ILE A 67 15.38 -7.93 9.19
C ILE A 67 16.07 -9.30 9.40
N ALA A 68 16.30 -9.64 10.66
CA ALA A 68 16.94 -10.90 11.02
C ALA A 68 16.10 -11.56 12.10
N GLU A 69 16.53 -12.74 12.57
CA GLU A 69 15.78 -13.43 13.60
C GLU A 69 15.72 -12.63 14.90
N ASP A 70 16.73 -11.79 15.13
CA ASP A 70 16.76 -10.99 16.36
C ASP A 70 16.17 -9.58 16.20
N THR A 71 15.46 -9.34 15.10
CA THR A 71 14.87 -8.03 14.86
C THR A 71 13.47 -7.94 15.44
N SER A 72 13.18 -6.88 16.19
CA SER A 72 11.86 -6.72 16.77
C SER A 72 10.78 -6.53 15.70
N PHE A 73 9.57 -6.92 16.03
CA PHE A 73 8.47 -6.82 15.09
C PHE A 73 7.14 -6.75 15.84
N PHE A 74 6.09 -6.37 15.13
CA PHE A 74 4.79 -6.29 15.75
C PHE A 74 3.97 -7.52 15.34
N GLY A 75 3.38 -8.18 16.31
CA GLY A 75 2.55 -9.32 16.00
C GLY A 75 1.19 -8.79 15.53
N VAL A 76 0.43 -9.64 14.84
CA VAL A 76 -0.88 -9.25 14.36
C VAL A 76 -1.95 -9.95 15.18
N GLN A 77 -2.75 -9.17 15.90
CA GLN A 77 -3.80 -9.70 16.74
C GLN A 77 -5.05 -10.05 15.92
N GLU A 78 -5.34 -9.26 14.91
CA GLU A 78 -6.52 -9.53 14.09
C GLU A 78 -6.41 -8.96 12.68
N ILE A 79 -6.96 -9.70 11.72
CA ILE A 79 -6.97 -9.30 10.33
C ILE A 79 -8.41 -8.94 10.00
N ILE A 80 -8.63 -7.71 9.57
CA ILE A 80 -9.96 -7.28 9.24
C ILE A 80 -10.08 -6.97 7.76
N ILE A 81 -10.83 -7.80 7.06
CA ILE A 81 -11.06 -7.65 5.64
C ILE A 81 -12.46 -7.07 5.40
N HIS A 82 -12.56 -6.12 4.49
CA HIS A 82 -13.84 -5.51 4.17
C HIS A 82 -14.81 -6.63 3.74
N ASP A 83 -15.99 -6.68 4.35
CA ASP A 83 -16.94 -7.73 4.05
C ASP A 83 -17.40 -7.82 2.60
N GLN A 84 -17.23 -6.75 1.83
CA GLN A 84 -17.64 -6.76 0.43
C GLN A 84 -16.52 -7.16 -0.53
N TYR A 85 -15.32 -7.39 0.01
CA TYR A 85 -14.19 -7.78 -0.82
C TYR A 85 -14.33 -9.19 -1.37
N LYS A 86 -13.99 -9.36 -2.64
CA LYS A 86 -14.02 -10.67 -3.28
C LYS A 86 -12.69 -10.82 -3.99
N MET A 87 -12.26 -9.76 -4.66
CA MET A 87 -10.99 -9.78 -5.34
C MET A 87 -10.52 -8.39 -5.74
N ALA A 88 -9.20 -8.23 -5.74
CA ALA A 88 -8.56 -6.96 -6.07
C ALA A 88 -9.25 -6.22 -7.21
N GLU A 89 -9.36 -6.86 -8.38
CA GLU A 89 -9.95 -6.24 -9.55
C GLU A 89 -11.43 -5.80 -9.45
N SER A 90 -12.14 -6.27 -8.43
CA SER A 90 -13.53 -5.89 -8.28
C SER A 90 -13.72 -4.74 -7.29
N GLY A 91 -12.65 -4.35 -6.61
CA GLY A 91 -12.75 -3.27 -5.64
C GLY A 91 -12.79 -3.79 -4.21
N TYR A 92 -12.92 -2.87 -3.24
CA TYR A 92 -12.95 -3.20 -1.82
C TYR A 92 -11.69 -3.89 -1.36
N ASP A 93 -10.60 -3.67 -2.07
CA ASP A 93 -9.34 -4.29 -1.71
C ASP A 93 -8.74 -3.44 -0.59
N ILE A 94 -9.28 -3.64 0.61
CA ILE A 94 -8.81 -2.90 1.78
C ILE A 94 -8.94 -3.75 3.04
N ALA A 95 -7.90 -3.71 3.88
CA ALA A 95 -7.91 -4.50 5.11
C ALA A 95 -7.18 -3.78 6.24
N LEU A 96 -7.56 -4.09 7.47
CA LEU A 96 -6.93 -3.48 8.63
C LEU A 96 -6.23 -4.56 9.42
N LEU A 97 -5.04 -4.26 9.93
CA LEU A 97 -4.30 -5.21 10.76
C LEU A 97 -4.23 -4.59 12.16
N LYS A 98 -4.77 -5.29 13.16
CA LYS A 98 -4.74 -4.79 14.53
C LYS A 98 -3.54 -5.44 15.18
N LEU A 99 -2.52 -4.65 15.48
CA LEU A 99 -1.30 -5.15 16.09
C LEU A 99 -1.49 -5.58 17.54
N GLU A 100 -0.72 -6.57 17.96
CA GLU A 100 -0.79 -7.07 19.33
C GLU A 100 -0.27 -6.04 20.35
N THR A 101 0.63 -5.17 19.91
CA THR A 101 1.15 -4.13 20.79
C THR A 101 1.14 -2.81 20.06
N THR A 102 1.26 -1.70 20.79
CA THR A 102 1.24 -0.39 20.15
C THR A 102 2.60 0.04 19.64
N VAL A 103 2.59 0.81 18.56
CA VAL A 103 3.80 1.32 17.94
C VAL A 103 4.20 2.60 18.65
N ASN A 104 5.45 2.71 19.07
CA ASN A 104 5.93 3.93 19.70
C ASN A 104 6.46 4.78 18.56
N TYR A 105 5.76 5.88 18.30
CA TYR A 105 6.16 6.76 17.20
C TYR A 105 7.57 7.34 17.37
N ALA A 106 8.23 7.54 16.23
CA ALA A 106 9.58 8.08 16.20
C ALA A 106 9.85 8.60 14.79
N ASP A 107 11.02 9.20 14.58
CA ASP A 107 11.33 9.72 13.26
C ASP A 107 11.37 8.63 12.18
N SER A 108 11.60 7.40 12.60
CA SER A 108 11.65 6.29 11.67
C SER A 108 10.28 5.67 11.44
N GLN A 109 9.35 5.91 12.35
CA GLN A 109 8.02 5.33 12.25
C GLN A 109 6.93 6.21 12.88
N ARG A 110 6.00 6.64 12.03
CA ARG A 110 4.89 7.47 12.49
C ARG A 110 3.75 7.19 11.52
N PRO A 111 2.52 7.59 11.86
CA PRO A 111 1.34 7.38 11.03
C PRO A 111 1.11 8.41 9.93
N ILE A 112 0.42 8.01 8.87
CA ILE A 112 0.13 8.93 7.78
C ILE A 112 -1.32 9.40 7.92
N SER A 113 -1.58 10.67 7.65
CA SER A 113 -2.94 11.17 7.77
C SER A 113 -3.84 10.64 6.68
N LEU A 114 -5.04 10.25 7.05
CA LEU A 114 -6.03 9.77 6.09
C LEU A 114 -6.63 10.97 5.38
N PRO A 115 -7.02 10.81 4.10
CA PRO A 115 -7.60 11.95 3.39
C PRO A 115 -8.97 12.29 3.99
N SER A 116 -9.43 13.52 3.81
CA SER A 116 -10.73 13.90 4.32
C SER A 116 -11.71 14.02 3.15
N LYS A 117 -12.98 13.81 3.43
CA LYS A 117 -14.01 13.87 2.40
C LYS A 117 -13.93 15.19 1.65
N GLY A 118 -13.58 16.25 2.38
CA GLY A 118 -13.46 17.56 1.77
C GLY A 118 -12.12 17.73 1.12
N ASP A 119 -11.70 16.72 0.36
CA ASP A 119 -10.42 16.71 -0.34
C ASP A 119 -10.52 15.92 -1.64
N ARG A 120 -11.72 15.48 -1.96
CA ARG A 120 -11.91 14.73 -3.18
C ARG A 120 -11.77 15.64 -4.39
N ASN A 121 -11.81 16.95 -4.14
CA ASN A 121 -11.68 17.95 -5.18
C ASN A 121 -10.25 18.50 -5.21
N VAL A 122 -9.41 18.00 -4.30
CA VAL A 122 -8.04 18.46 -4.24
C VAL A 122 -7.23 17.92 -5.40
N ILE A 123 -6.35 18.76 -5.95
CA ILE A 123 -5.52 18.37 -7.07
C ILE A 123 -4.15 17.91 -6.56
N TYR A 124 -4.00 16.60 -6.36
CA TYR A 124 -2.74 16.06 -5.88
C TYR A 124 -1.77 16.03 -7.05
N THR A 125 -0.75 16.87 -7.01
CA THR A 125 0.24 16.93 -8.07
C THR A 125 1.57 16.35 -7.65
N ASP A 126 1.66 15.87 -6.41
CA ASP A 126 2.91 15.32 -5.88
C ASP A 126 2.68 14.00 -5.15
N CYS A 127 2.42 12.95 -5.92
CA CYS A 127 2.15 11.63 -5.37
C CYS A 127 3.25 10.63 -5.64
N TRP A 128 3.49 9.74 -4.69
CA TRP A 128 4.53 8.73 -4.83
C TRP A 128 4.06 7.33 -4.42
N VAL A 129 4.56 6.31 -5.10
CA VAL A 129 4.20 4.94 -4.75
C VAL A 129 5.52 4.33 -4.25
N THR A 130 5.45 3.62 -3.13
CA THR A 130 6.66 3.04 -2.56
C THR A 130 6.50 1.57 -2.18
N GLY A 131 7.61 0.86 -2.13
CA GLY A 131 7.57 -0.54 -1.76
C GLY A 131 8.83 -1.31 -2.10
N TRP A 132 8.81 -2.59 -1.72
CA TRP A 132 9.89 -3.55 -1.96
C TRP A 132 9.47 -4.54 -3.03
N GLY A 133 8.51 -4.14 -3.85
CA GLY A 133 8.02 -5.03 -4.89
C GLY A 133 8.99 -5.21 -6.04
N TYR A 134 8.55 -5.93 -7.06
CA TYR A 134 9.37 -6.16 -8.23
C TYR A 134 9.73 -4.90 -8.99
N ARG A 135 10.86 -4.92 -9.66
CA ARG A 135 11.25 -3.81 -10.52
C ARG A 135 10.77 -4.18 -11.92
N LYS A 136 10.09 -5.32 -12.03
CA LYS A 136 9.57 -5.77 -13.30
C LYS A 136 8.79 -7.08 -13.18
N LEU A 137 8.41 -7.65 -14.30
CA LEU A 137 7.67 -8.91 -14.29
C LEU A 137 8.59 -10.10 -14.05
N ARG A 138 8.13 -11.04 -13.24
CA ARG A 138 8.93 -12.23 -12.97
C ARG A 138 10.28 -11.86 -12.36
N ASP A 139 10.23 -11.09 -11.28
CA ASP A 139 11.44 -10.69 -10.60
C ASP A 139 11.48 -11.19 -9.15
N LYS A 140 11.74 -10.28 -8.22
CA LYS A 140 11.80 -10.66 -6.82
C LYS A 140 11.88 -9.44 -5.89
N ILE A 141 11.54 -9.66 -4.63
CA ILE A 141 11.57 -8.59 -3.63
C ILE A 141 12.92 -7.87 -3.60
N GLN A 142 12.87 -6.54 -3.67
CA GLN A 142 14.10 -5.73 -3.63
C GLN A 142 14.49 -5.43 -2.20
N ASN A 143 15.79 -5.31 -1.95
CA ASN A 143 16.30 -5.06 -0.60
C ASN A 143 16.05 -3.64 -0.08
N THR A 144 16.31 -2.64 -0.91
CA THR A 144 16.12 -1.25 -0.52
C THR A 144 14.76 -0.69 -0.96
N LEU A 145 14.01 -0.12 -0.01
CA LEU A 145 12.70 0.45 -0.32
C LEU A 145 12.78 1.40 -1.51
N GLN A 146 11.99 1.11 -2.55
CA GLN A 146 11.98 1.93 -3.76
C GLN A 146 10.87 2.95 -3.74
N LYS A 147 11.08 4.06 -4.44
CA LYS A 147 10.06 5.11 -4.52
C LYS A 147 9.96 5.58 -5.96
N ALA A 148 8.79 6.07 -6.35
CA ALA A 148 8.61 6.56 -7.70
C ALA A 148 7.48 7.56 -7.72
N LYS A 149 7.73 8.73 -8.32
CA LYS A 149 6.71 9.75 -8.41
C LYS A 149 5.81 9.38 -9.59
N ILE A 150 4.50 9.39 -9.36
CA ILE A 150 3.55 9.02 -10.41
C ILE A 150 2.27 9.85 -10.39
N PRO A 151 1.92 10.46 -11.53
CA PRO A 151 0.71 11.29 -11.60
C PRO A 151 -0.59 10.48 -11.56
N LEU A 152 -1.60 11.05 -10.91
CA LEU A 152 -2.89 10.42 -10.84
C LEU A 152 -3.56 10.66 -12.19
N VAL A 153 -4.43 9.74 -12.59
CA VAL A 153 -5.17 9.86 -13.84
C VAL A 153 -6.64 9.82 -13.47
N THR A 154 -7.47 10.51 -14.24
CA THR A 154 -8.91 10.55 -13.97
C THR A 154 -9.47 9.15 -14.12
N ASN A 155 -10.59 8.90 -13.46
CA ASN A 155 -11.25 7.60 -13.51
C ASN A 155 -11.72 7.32 -14.93
N GLU A 156 -12.17 8.36 -15.63
CA GLU A 156 -12.63 8.21 -17.00
C GLU A 156 -11.45 7.78 -17.89
N GLU A 157 -10.28 8.32 -17.61
CA GLU A 157 -9.09 7.97 -18.38
C GLU A 157 -8.67 6.53 -18.08
N CYS A 158 -8.75 6.14 -16.81
CA CYS A 158 -8.34 4.78 -16.42
C CYS A 158 -9.25 3.74 -17.03
N GLN A 159 -10.55 4.03 -17.06
CA GLN A 159 -11.52 3.11 -17.62
C GLN A 159 -11.18 2.81 -19.08
N LYS A 160 -10.70 3.81 -19.80
CA LYS A 160 -10.32 3.63 -21.20
C LYS A 160 -9.17 2.62 -21.30
N ARG A 161 -8.28 2.62 -20.32
CA ARG A 161 -7.15 1.71 -20.35
C ARG A 161 -7.47 0.32 -19.86
N TYR A 162 -8.65 0.16 -19.26
CA TYR A 162 -9.05 -1.15 -18.76
C TYR A 162 -10.43 -1.61 -19.21
N ARG A 163 -10.60 -1.77 -20.52
CA ARG A 163 -11.86 -2.26 -21.04
C ARG A 163 -11.94 -3.67 -20.48
N GLY A 164 -13.12 -4.20 -20.26
CA GLY A 164 -13.17 -5.53 -19.71
C GLY A 164 -13.22 -5.46 -18.19
N HIS A 165 -12.86 -4.30 -17.65
CA HIS A 165 -12.92 -4.08 -16.21
C HIS A 165 -13.86 -2.92 -15.91
N LYS A 166 -14.27 -2.84 -14.66
CA LYS A 166 -15.14 -1.77 -14.21
C LYS A 166 -14.35 -0.94 -13.20
N ILE A 167 -13.86 0.22 -13.63
CA ILE A 167 -13.11 1.10 -12.73
C ILE A 167 -14.11 2.00 -11.99
N THR A 168 -14.42 1.65 -10.74
CA THR A 168 -15.39 2.41 -9.95
C THR A 168 -14.76 3.62 -9.27
N HIS A 169 -15.60 4.43 -8.61
CA HIS A 169 -15.13 5.60 -7.91
C HIS A 169 -14.44 5.24 -6.60
N LYS A 170 -14.44 3.95 -6.27
CA LYS A 170 -13.78 3.47 -5.06
C LYS A 170 -12.38 3.01 -5.42
N MET A 171 -11.97 3.32 -6.65
CA MET A 171 -10.65 2.98 -7.13
C MET A 171 -10.08 4.30 -7.64
N ILE A 172 -8.75 4.34 -7.77
CA ILE A 172 -8.08 5.52 -8.28
C ILE A 172 -6.84 4.96 -8.99
N CYS A 173 -6.50 5.51 -10.14
CA CYS A 173 -5.35 5.01 -10.89
C CYS A 173 -4.27 6.07 -11.01
N ALA A 174 -3.07 5.63 -11.34
CA ALA A 174 -1.94 6.53 -11.49
C ALA A 174 -0.92 5.91 -12.41
N GLY A 175 -0.32 6.71 -13.28
CA GLY A 175 0.66 6.16 -14.19
C GLY A 175 0.95 7.07 -15.35
N TYR A 176 2.00 6.75 -16.08
CA TYR A 176 2.40 7.54 -17.24
C TYR A 176 1.84 6.91 -18.50
N ARG A 177 1.29 7.74 -19.37
CA ARG A 177 0.72 7.27 -20.62
C ARG A 177 1.71 6.36 -21.34
N GLU A 178 2.98 6.66 -21.18
CA GLU A 178 4.06 5.90 -21.79
C GLU A 178 4.60 4.78 -20.90
N GLY A 179 4.04 4.62 -19.70
CA GLY A 179 4.53 3.59 -18.80
C GLY A 179 5.88 3.94 -18.21
N GLY A 180 6.65 2.94 -17.79
CA GLY A 180 7.96 3.21 -17.22
C GLY A 180 8.07 3.24 -15.71
N LYS A 181 7.07 3.80 -15.03
CA LYS A 181 7.07 3.89 -13.56
C LYS A 181 5.75 3.34 -13.05
N ASP A 182 5.81 2.47 -12.05
CA ASP A 182 4.59 1.88 -11.55
C ASP A 182 4.86 0.89 -10.41
N ALA A 183 3.81 0.43 -9.76
CA ALA A 183 3.95 -0.57 -8.72
C ALA A 183 4.00 -1.96 -9.38
N CYS A 184 4.47 -2.94 -8.62
CA CYS A 184 4.56 -4.31 -9.13
C CYS A 184 4.42 -5.34 -8.02
N LYS A 185 4.34 -6.61 -8.39
CA LYS A 185 4.20 -7.68 -7.41
C LYS A 185 5.12 -7.43 -6.21
N GLY A 186 4.53 -7.34 -5.02
CA GLY A 186 5.30 -7.10 -3.81
C GLY A 186 4.98 -5.75 -3.19
N ASP A 187 4.49 -4.84 -4.02
CA ASP A 187 4.14 -3.51 -3.53
C ASP A 187 2.71 -3.46 -3.04
N SER A 188 1.98 -4.53 -3.28
CA SER A 188 0.58 -4.62 -2.87
C SER A 188 0.46 -4.26 -1.39
N GLY A 189 -0.60 -3.51 -1.07
CA GLY A 189 -0.81 -3.09 0.30
C GLY A 189 -0.05 -1.80 0.58
N GLY A 190 0.88 -1.48 -0.32
CA GLY A 190 1.65 -0.26 -0.14
C GLY A 190 0.79 0.99 -0.20
N PRO A 191 1.31 2.12 0.30
CA PRO A 191 0.57 3.38 0.28
C PRO A 191 0.83 4.17 -0.98
N LEU A 192 -0.06 5.11 -1.28
CA LEU A 192 0.10 5.98 -2.41
C LEU A 192 0.14 7.40 -1.85
N SER A 193 1.25 7.74 -1.21
CA SER A 193 1.39 9.05 -0.58
C SER A 193 1.32 10.24 -1.52
N CYS A 194 0.42 11.17 -1.23
CA CYS A 194 0.30 12.38 -2.02
C CYS A 194 0.59 13.60 -1.15
N LYS A 195 1.57 14.40 -1.57
CA LYS A 195 1.95 15.58 -0.79
C LYS A 195 1.13 16.78 -1.19
N HIS A 196 0.33 17.27 -0.26
CA HIS A 196 -0.52 18.41 -0.55
C HIS A 196 -0.61 19.40 0.60
N ASN A 197 0.14 20.48 0.48
CA ASN A 197 0.17 21.53 1.50
C ASN A 197 1.05 21.21 2.68
N GLU A 198 2.31 20.89 2.40
CA GLU A 198 3.25 20.57 3.46
C GLU A 198 2.74 19.45 4.33
N VAL A 199 1.86 18.63 3.78
CA VAL A 199 1.29 17.53 4.54
C VAL A 199 1.01 16.30 3.68
N TRP A 200 1.43 15.14 4.17
CA TRP A 200 1.25 13.89 3.44
C TRP A 200 -0.10 13.26 3.66
N HIS A 201 -0.62 12.64 2.61
CA HIS A 201 -1.92 12.02 2.68
C HIS A 201 -1.96 10.63 2.03
N LEU A 202 -2.61 9.69 2.71
CA LEU A 202 -2.73 8.34 2.19
C LEU A 202 -3.89 8.29 1.18
N VAL A 203 -3.61 8.65 -0.05
CA VAL A 203 -4.61 8.66 -1.12
C VAL A 203 -5.04 7.29 -1.58
N GLY A 204 -4.08 6.40 -1.83
CA GLY A 204 -4.46 5.07 -2.28
C GLY A 204 -3.68 3.92 -1.67
N ILE A 205 -4.10 2.71 -1.97
CA ILE A 205 -3.42 1.51 -1.49
C ILE A 205 -3.14 0.71 -2.73
N THR A 206 -1.88 0.33 -2.95
CA THR A 206 -1.52 -0.44 -4.12
C THR A 206 -2.37 -1.71 -4.20
N SER A 207 -3.08 -1.86 -5.31
CA SER A 207 -3.97 -3.00 -5.51
C SER A 207 -3.68 -3.90 -6.73
N TRP A 208 -3.83 -3.37 -7.93
CA TRP A 208 -3.56 -4.19 -9.10
C TRP A 208 -3.24 -3.45 -10.37
N GLY A 209 -3.07 -4.21 -11.44
CA GLY A 209 -2.76 -3.65 -12.73
C GLY A 209 -2.47 -4.77 -13.71
N GLU A 210 -2.43 -4.44 -15.00
CA GLU A 210 -2.15 -5.43 -16.03
C GLU A 210 -0.66 -5.35 -16.28
N GLY A 211 0.10 -6.32 -15.79
CA GLY A 211 1.54 -6.29 -15.96
C GLY A 211 2.10 -5.19 -15.09
N CYS A 212 3.29 -4.67 -15.42
CA CYS A 212 3.90 -3.60 -14.63
C CYS A 212 4.52 -2.50 -15.46
N ALA A 213 4.06 -1.27 -15.27
CA ALA A 213 4.59 -0.13 -16.00
C ALA A 213 4.46 -0.20 -17.51
N GLN A 214 3.51 -0.99 -18.01
CA GLN A 214 3.33 -1.08 -19.45
C GLN A 214 2.72 0.23 -19.90
N ARG A 215 2.85 0.57 -21.18
CA ARG A 215 2.28 1.81 -21.66
C ARG A 215 0.76 1.68 -21.63
N GLU A 216 0.08 2.80 -21.39
CA GLU A 216 -1.38 2.80 -21.35
C GLU A 216 -2.00 1.73 -20.43
N ARG A 217 -1.36 1.49 -19.30
CA ARG A 217 -1.84 0.54 -18.29
C ARG A 217 -1.52 1.09 -16.91
N PRO A 218 -2.28 2.09 -16.45
CA PRO A 218 -2.08 2.72 -15.14
C PRO A 218 -2.23 1.77 -13.95
N GLY A 219 -1.47 2.02 -12.89
CA GLY A 219 -1.61 1.18 -11.70
C GLY A 219 -2.96 1.49 -11.10
N VAL A 220 -3.60 0.49 -10.50
CA VAL A 220 -4.91 0.72 -9.90
C VAL A 220 -4.78 0.69 -8.39
N TYR A 221 -5.38 1.65 -7.70
CA TYR A 221 -5.29 1.69 -6.26
C TYR A 221 -6.65 1.83 -5.59
N THR A 222 -6.73 1.38 -4.33
CA THR A 222 -7.98 1.53 -3.59
C THR A 222 -8.09 3.02 -3.30
N ASN A 223 -9.27 3.60 -3.49
CA ASN A 223 -9.45 5.03 -3.23
C ASN A 223 -9.79 5.19 -1.77
N VAL A 224 -8.74 5.24 -0.95
CA VAL A 224 -8.86 5.34 0.50
C VAL A 224 -9.95 6.27 1.04
N VAL A 225 -10.03 7.50 0.54
CA VAL A 225 -11.02 8.43 1.03
C VAL A 225 -12.41 7.83 1.08
N GLU A 226 -12.71 6.94 0.13
CA GLU A 226 -14.02 6.28 0.09
C GLU A 226 -14.20 5.31 1.24
N TYR A 227 -13.19 5.18 2.09
CA TYR A 227 -13.30 4.22 3.18
C TYR A 227 -13.06 4.79 4.57
N VAL A 228 -12.99 6.12 4.68
CA VAL A 228 -12.74 6.72 6.00
C VAL A 228 -13.83 6.34 7.01
N ASP A 229 -15.07 6.23 6.57
CA ASP A 229 -16.15 5.84 7.46
C ASP A 229 -15.98 4.37 7.86
N TRP A 230 -15.59 3.53 6.89
CA TRP A 230 -15.37 2.12 7.19
C TRP A 230 -14.23 2.03 8.20
N ILE A 231 -13.13 2.72 7.89
CA ILE A 231 -11.97 2.69 8.76
C ILE A 231 -12.26 3.18 10.17
N LEU A 232 -13.14 4.16 10.30
CA LEU A 232 -13.50 4.66 11.61
C LEU A 232 -14.29 3.59 12.35
N GLU A 233 -15.30 3.03 11.69
CA GLU A 233 -16.14 2.01 12.28
C GLU A 233 -15.37 0.76 12.72
N LYS A 234 -14.42 0.30 11.90
CA LYS A 234 -13.67 -0.90 12.26
C LYS A 234 -12.59 -0.68 13.33
N THR A 235 -12.08 0.54 13.45
CA THR A 235 -11.04 0.80 14.45
C THR A 235 -11.53 1.20 15.84
N GLN A 236 -12.81 1.60 15.95
CA GLN A 236 -13.36 1.98 17.26
C GLN A 236 -13.70 0.71 18.02
N ALA A 237 -13.22 0.60 19.26
CA ALA A 237 -13.50 -0.58 20.07
C ALA A 237 -14.98 -0.64 20.44
S SO4 B . 6.77 -14.92 -10.20
O1 SO4 B . 6.50 -15.63 -8.90
O2 SO4 B . 6.28 -15.68 -11.38
O3 SO4 B . 8.25 -14.66 -10.33
O4 SO4 B . 6.05 -13.60 -10.22
S SO4 C . -6.69 -5.09 23.07
O1 SO4 C . -6.08 -5.15 24.44
O2 SO4 C . -7.05 -6.44 22.57
O3 SO4 C . -5.72 -4.42 22.15
O4 SO4 C . -7.94 -4.30 23.10
CX 62A D . 1.10 -6.95 -5.20
CY 62A D . 0.54 -6.87 -6.65
CZ 62A D . 1.01 -8.33 -4.57
OX 62A D . 1.89 -6.10 -4.82
N1 62A D . -0.87 -7.11 -6.72
C2 62A D . 0.85 -5.51 -7.35
C3 62A D . 0.40 -5.42 -8.83
C4 62A D . 0.27 -3.94 -9.27
N5 62A D . 0.63 -3.78 -10.70
C6 62A D . 0.64 -2.63 -11.40
N7 62A D . 0.99 -2.65 -12.70
N8 62A D . 0.30 -1.46 -10.81
C9 62A D . -1.43 -8.13 -7.40
O10 62A D . -0.77 -8.97 -8.02
C11 62A D . -2.94 -8.18 -7.37
N12 62A D . -3.48 -8.88 -8.57
C13 62A D . -4.01 -10.14 -8.53
N14 62A D . -4.51 -10.79 -9.60
C15 62A D . -4.50 -10.17 -10.81
C16 62A D . -3.97 -8.88 -10.99
C17 62A D . -3.46 -8.26 -9.80
N18 62A D . -3.93 -8.22 -12.25
C19 62A D . -4.05 -10.90 -7.25
C20 62A D . -5.20 -10.89 -6.40
C21 62A D . -5.17 -11.62 -5.17
C22 62A D . -4.01 -12.35 -4.78
C23 62A D . -2.85 -12.36 -5.62
C24 62A D . -2.89 -11.64 -6.84
C25 62A D . -1.61 -13.15 -5.23
O26 62A D . -2.98 -7.11 -9.94
N27 62A D . -0.03 -8.78 -3.95
C28 62A D . 0.21 -10.09 -3.50
C29 62A D . 1.46 -10.54 -3.84
S30 62A D . 2.35 -9.38 -4.68
#